data_4FHF
#
_entry.id   4FHF
#
_cell.length_a   53.200
_cell.length_b   58.990
_cell.length_c   131.480
_cell.angle_alpha   90.00
_cell.angle_beta   90.00
_cell.angle_gamma   90.00
#
_symmetry.space_group_name_H-M   'P 21 21 21'
#
loop_
_entity.id
_entity.type
_entity.pdbx_description
1 polymer 'Spore photoproduct lyase'
2 non-polymer 'IRON/SULFUR CLUSTER'
3 non-polymer [(3S)-3-amino-4-hydroxy-4-oxo-butyl]-[[(2S,3S,4R,5R)-5-(6-aminopurin-9-yl)-3,4-dihydroxy-oxolan-2-yl]methyl]-methyl-selanium
4 non-polymer 'SULFATE ION'
5 non-polymer 'PYROPHOSPHATE 2-'
6 non-polymer 1-[(2R,4S,5R)-5-(hydroxymethyl)-4-oxidanyl-oxolan-2-yl]-5-[[(5R)-1-[(2R,4S,5R)-5-(hydroxymethyl)-4-oxidanyl-oxolan-2-yl]-5-methyl-2,4-bis(oxidanylidene)-1,3-diazinan-5-yl]methyl]pyrimidine-2,4-dione
7 water water
#
_entity_poly.entity_id   1
_entity_poly.type   'polypeptide(L)'
_entity_poly.pdbx_seq_one_letter_code
;MKHHHHHHPMSDYDIPTTENLYFQGAMGKPFVPKLVYFEPEALSYPLGKELYEKFTQMGIKIRETTSHNQVRGIPGETEL
ARYRNAKSTLVVGVRRTLKFDSSKPSAEYAIPLATGCMGHCHYCYLQTTLGSKPYIRVYVNLDDIFAQAQKYINERAPEI
TRFEAAATSDIVGIDHLTHSLKKAIEFIGATDYGRLRFVTKYEHVDHLLDARHNGKTRFRFSINSRYVINHFEPGTSSFD
GRLAAARKVAGAGYKLGFVVAPIYRHEGWERGYFELFQELARQLEGMDLSDLTFELIQHRFTKPAKRVIEQRYPKTRLDL
DETKRKYKWGRYGIGKYVYRDEEAKELEDTMRRYIEQFFPGAYVQYFT
;
_entity_poly.pdbx_strand_id   A
#
loop_
_chem_comp.id
_chem_comp.type
_chem_comp.name
_chem_comp.formula
0TT non-polymer 1-[(2R,4S,5R)-5-(hydroxymethyl)-4-oxidanyl-oxolan-2-yl]-5-[[(5R)-1-[(2R,4S,5R)-5-(hydroxymethyl)-4-oxidanyl-oxolan-2-yl]-5-methyl-2,4-bis(oxidanylidene)-1,3-diazinan-5-yl]methyl]pyrimidine-2,4-dione 'C20 H28 N4 O10'
EEM non-polymer [(3S)-3-amino-4-hydroxy-4-oxo-butyl]-[[(2S,3S,4R,5R)-5-(6-aminopurin-9-yl)-3,4-dihydroxy-oxolan-2-yl]methyl]-methyl-selanium 'C15 H23 N6 O5 Se 1'
POP non-polymer 'PYROPHOSPHATE 2-' 'H2 O7 P2 -2'
SF4 non-polymer 'IRON/SULFUR CLUSTER' 'Fe4 S4'
SO4 non-polymer 'SULFATE ION' 'O4 S -2'
#
# COMPACT_ATOMS: atom_id res chain seq x y z
N LYS A 29 5.75 18.34 2.23
CA LYS A 29 5.55 17.24 1.25
C LYS A 29 5.12 15.93 1.93
N PRO A 30 5.77 15.57 3.05
CA PRO A 30 5.31 14.38 3.78
C PRO A 30 3.94 14.61 4.40
N PHE A 31 3.14 13.55 4.51
CA PHE A 31 1.76 13.68 5.00
C PHE A 31 1.72 14.09 6.48
N VAL A 32 0.98 15.15 6.76
CA VAL A 32 0.67 15.58 8.11
C VAL A 32 -0.83 15.79 8.19
N PRO A 33 -1.51 15.09 9.12
CA PRO A 33 -2.97 15.19 9.21
C PRO A 33 -3.43 16.56 9.68
N LYS A 34 -4.58 17.01 9.19
CA LYS A 34 -5.19 18.27 9.59
C LYS A 34 -6.16 18.09 10.76
N LEU A 35 -6.43 16.82 11.08
CA LEU A 35 -7.30 16.48 12.21
C LEU A 35 -6.83 15.13 12.75
N VAL A 36 -6.77 15.00 14.07
CA VAL A 36 -6.36 13.75 14.71
C VAL A 36 -7.36 13.31 15.78
N TYR A 37 -7.77 12.04 15.72
CA TYR A 37 -8.59 11.44 16.76
C TYR A 37 -7.76 10.47 17.59
N PHE A 38 -8.02 10.42 18.89
CA PHE A 38 -7.36 9.47 19.78
C PHE A 38 -8.40 8.58 20.48
N GLU A 39 -8.19 7.28 20.41
CA GLU A 39 -8.93 6.35 21.25
C GLU A 39 -8.38 6.48 22.66
N PRO A 40 -9.26 6.58 23.67
CA PRO A 40 -8.80 6.68 25.06
C PRO A 40 -7.77 5.62 25.45
N GLU A 41 -8.00 4.38 25.01
CA GLU A 41 -7.10 3.27 25.33
C GLU A 41 -5.71 3.45 24.72
N ALA A 42 -5.62 4.17 23.61
CA ALA A 42 -4.34 4.42 22.94
C ALA A 42 -3.32 5.13 23.83
N LEU A 43 -3.79 5.98 24.74
CA LEU A 43 -2.89 6.74 25.63
C LEU A 43 -2.22 5.87 26.70
N SER A 44 -2.63 4.61 26.81
CA SER A 44 -1.98 3.66 27.71
C SER A 44 -0.74 3.01 27.09
N TYR A 45 -0.48 3.30 25.81
CA TYR A 45 0.66 2.73 25.10
C TYR A 45 1.70 3.81 24.76
N PRO A 46 2.99 3.44 24.74
CA PRO A 46 4.08 4.39 24.46
C PRO A 46 3.88 5.22 23.19
N LEU A 47 3.46 4.58 22.10
CA LEU A 47 3.28 5.27 20.82
C LEU A 47 2.13 6.29 20.89
N GLY A 48 1.04 5.91 21.57
CA GLY A 48 -0.08 6.82 21.76
C GLY A 48 0.29 8.05 22.56
N LYS A 49 1.03 7.85 23.65
CA LYS A 49 1.56 8.93 24.46
C LYS A 49 2.47 9.84 23.65
N GLU A 50 3.36 9.24 22.87
CA GLU A 50 4.32 9.98 22.04
C GLU A 50 3.62 10.78 20.93
N LEU A 51 2.60 10.19 20.32
CA LEU A 51 1.85 10.86 19.25
C LEU A 51 0.98 11.98 19.79
N TYR A 52 0.41 11.78 20.98
CA TYR A 52 -0.40 12.81 21.61
C TYR A 52 0.42 14.07 21.90
N GLU A 53 1.58 13.89 22.52
CA GLU A 53 2.46 15.04 22.82
C GLU A 53 3.06 15.66 21.54
N LYS A 54 3.26 14.85 20.51
CA LYS A 54 3.74 15.33 19.22
C LYS A 54 2.72 16.26 18.57
N PHE A 55 1.49 15.77 18.40
CA PHE A 55 0.45 16.52 17.68
C PHE A 55 -0.10 17.71 18.48
N THR A 56 -0.08 17.63 19.80
CA THR A 56 -0.44 18.78 20.63
C THR A 56 0.63 19.86 20.55
N GLN A 57 1.89 19.45 20.50
CA GLN A 57 3.00 20.39 20.30
C GLN A 57 2.91 21.11 18.95
N MET A 58 2.46 20.39 17.92
CA MET A 58 2.33 20.97 16.59
C MET A 58 1.09 21.86 16.44
N GLY A 59 0.22 21.86 17.45
CA GLY A 59 -0.97 22.71 17.45
C GLY A 59 -2.04 22.23 16.49
N ILE A 60 -1.99 20.95 16.15
CA ILE A 60 -2.97 20.35 15.26
C ILE A 60 -4.26 20.10 16.04
N LYS A 61 -5.39 20.21 15.34
CA LYS A 61 -6.70 20.01 15.94
C LYS A 61 -6.86 18.54 16.36
N ILE A 62 -6.99 18.33 17.68
CA ILE A 62 -7.04 16.98 18.24
C ILE A 62 -8.37 16.73 18.94
N ARG A 63 -8.97 15.58 18.64
CA ARG A 63 -10.23 15.18 19.23
C ARG A 63 -10.13 13.82 19.89
N GLU A 64 -11.16 13.47 20.64
CA GLU A 64 -11.26 12.18 21.29
C GLU A 64 -12.36 11.39 20.61
N THR A 65 -12.13 10.10 20.39
CA THR A 65 -13.21 9.22 19.93
C THR A 65 -14.10 8.91 21.12
N THR A 66 -15.21 8.22 20.88
CA THR A 66 -16.09 7.79 21.96
C THR A 66 -15.40 6.73 22.81
N SER A 67 -16.02 6.37 23.93
CA SER A 67 -15.51 5.30 24.79
C SER A 67 -15.50 3.96 24.03
N HIS A 68 -16.42 3.80 23.09
CA HIS A 68 -16.46 2.64 22.20
C HIS A 68 -15.82 2.91 20.82
N ASN A 69 -14.87 3.84 20.80
CA ASN A 69 -13.93 4.01 19.69
C ASN A 69 -14.54 4.39 18.33
N GLN A 70 -15.64 5.13 18.35
CA GLN A 70 -16.25 5.62 17.11
C GLN A 70 -15.76 7.02 16.76
N VAL A 71 -15.54 7.25 15.46
CA VAL A 71 -15.07 8.54 14.97
C VAL A 71 -16.26 9.34 14.45
N ARG A 72 -16.65 10.37 15.19
CA ARG A 72 -17.82 11.20 14.86
C ARG A 72 -17.41 12.63 14.56
N GLY A 73 -18.21 13.29 13.72
CA GLY A 73 -18.07 14.72 13.47
C GLY A 73 -16.96 15.12 12.52
N ILE A 74 -16.58 14.23 11.60
CA ILE A 74 -15.60 14.56 10.58
C ILE A 74 -16.21 15.63 9.65
N PRO A 75 -15.50 16.75 9.44
CA PRO A 75 -16.08 17.87 8.69
C PRO A 75 -16.49 17.51 7.26
N GLY A 76 -17.53 18.19 6.76
CA GLY A 76 -18.06 17.94 5.42
C GLY A 76 -19.57 17.78 5.45
N GLU A 77 -20.25 18.48 4.55
CA GLU A 77 -21.71 18.43 4.45
C GLU A 77 -22.16 17.43 3.38
N THR A 78 -21.39 17.33 2.29
CA THR A 78 -21.62 16.31 1.27
C THR A 78 -20.82 15.05 1.59
N GLU A 79 -21.12 13.98 0.88
CA GLU A 79 -20.39 12.71 1.03
C GLU A 79 -18.95 12.86 0.54
N LEU A 80 -18.77 13.57 -0.57
CA LEU A 80 -17.45 13.81 -1.16
C LEU A 80 -16.56 14.66 -0.23
N ALA A 81 -17.18 15.61 0.47
CA ALA A 81 -16.45 16.47 1.39
C ALA A 81 -15.88 15.68 2.56
N ARG A 82 -16.73 14.86 3.18
CA ARG A 82 -16.32 14.01 4.30
C ARG A 82 -15.33 12.92 3.89
N TYR A 83 -15.35 12.55 2.60
CA TYR A 83 -14.37 11.62 2.04
C TYR A 83 -12.99 12.27 1.93
N ARG A 84 -12.97 13.50 1.42
CA ARG A 84 -11.72 14.27 1.30
C ARG A 84 -11.12 14.56 2.67
N ASN A 85 -11.95 15.03 3.60
CA ASN A 85 -11.50 15.40 4.94
C ASN A 85 -11.10 14.18 5.77
N ALA A 86 -11.73 13.04 5.51
CA ALA A 86 -11.34 11.78 6.14
C ALA A 86 -9.91 11.43 5.77
N LYS A 87 -9.56 11.60 4.50
CA LYS A 87 -8.21 11.30 4.02
C LYS A 87 -7.13 12.30 4.50
N SER A 88 -7.56 13.35 5.19
CA SER A 88 -6.65 14.26 5.89
C SER A 88 -6.74 14.07 7.41
N THR A 89 -7.45 13.02 7.85
CA THR A 89 -7.68 12.76 9.27
C THR A 89 -6.94 11.49 9.69
N LEU A 90 -6.22 11.58 10.80
CA LEU A 90 -5.52 10.44 11.38
C LEU A 90 -6.24 10.00 12.65
N VAL A 91 -6.35 8.68 12.84
CA VAL A 91 -6.93 8.12 14.05
C VAL A 91 -5.90 7.22 14.74
N VAL A 92 -5.53 7.59 15.96
CA VAL A 92 -4.59 6.82 16.76
C VAL A 92 -5.39 5.88 17.65
N GLY A 93 -5.27 4.57 17.40
CA GLY A 93 -6.09 3.58 18.07
C GLY A 93 -5.36 2.32 18.47
N VAL A 94 -6.13 1.35 18.95
CA VAL A 94 -5.62 0.06 19.38
C VAL A 94 -6.17 -1.03 18.48
N ARG A 95 -5.32 -1.98 18.08
CA ARG A 95 -5.75 -3.13 17.30
C ARG A 95 -6.35 -4.17 18.25
N ARG A 96 -7.67 -4.35 18.16
CA ARG A 96 -8.37 -5.33 19.00
C ARG A 96 -8.61 -6.66 18.28
N THR A 97 -8.71 -6.61 16.95
CA THR A 97 -8.73 -7.83 16.14
C THR A 97 -7.29 -8.29 15.95
N LEU A 98 -6.87 -9.27 16.75
CA LEU A 98 -5.51 -9.80 16.67
C LEU A 98 -5.40 -11.02 15.76
N LYS A 99 -6.51 -11.48 15.19
CA LYS A 99 -6.45 -12.45 14.11
C LYS A 99 -6.00 -11.72 12.84
N PHE A 100 -4.91 -12.20 12.22
CA PHE A 100 -4.38 -11.59 11.00
C PHE A 100 -5.13 -12.14 9.80
N ASP A 101 -5.49 -11.27 8.87
CA ASP A 101 -6.05 -11.71 7.58
C ASP A 101 -4.96 -12.37 6.76
N SER A 102 -5.37 -13.29 5.88
CA SER A 102 -4.46 -13.84 4.89
C SER A 102 -4.27 -12.80 3.79
N SER A 103 -3.11 -12.83 3.14
CA SER A 103 -2.79 -11.81 2.14
C SER A 103 -2.13 -12.40 0.89
N LYS A 104 -2.63 -13.55 0.43
CA LYS A 104 -2.15 -14.15 -0.81
C LYS A 104 -2.63 -13.30 -1.98
N PRO A 105 -1.84 -13.25 -3.07
CA PRO A 105 -0.59 -13.98 -3.34
C PRO A 105 0.70 -13.31 -2.83
N SER A 106 0.59 -12.14 -2.19
CA SER A 106 1.77 -11.42 -1.70
C SER A 106 2.49 -12.17 -0.56
N ALA A 107 1.72 -12.51 0.47
CA ALA A 107 2.28 -13.08 1.68
C ALA A 107 1.25 -13.95 2.40
N GLU A 108 1.72 -14.73 3.36
CA GLU A 108 0.82 -15.57 4.16
C GLU A 108 -0.22 -14.74 4.89
N TYR A 109 0.21 -13.66 5.54
CA TYR A 109 -0.67 -12.82 6.34
C TYR A 109 -0.47 -11.34 6.09
N ALA A 110 -1.49 -10.56 6.43
CA ALA A 110 -1.39 -9.11 6.47
C ALA A 110 -1.14 -8.68 7.91
N ILE A 111 0.02 -8.08 8.16
CA ILE A 111 0.34 -7.54 9.49
C ILE A 111 -0.32 -6.17 9.66
N PRO A 112 -1.26 -6.04 10.61
CA PRO A 112 -2.07 -4.83 10.72
C PRO A 112 -1.39 -3.71 11.51
N LEU A 113 -0.66 -2.85 10.80
CA LEU A 113 -0.02 -1.68 11.41
C LEU A 113 -0.83 -0.41 11.16
N ALA A 114 -1.54 -0.35 10.04
CA ALA A 114 -2.37 0.81 9.70
C ALA A 114 -3.46 0.47 8.69
N THR A 115 -4.43 1.37 8.56
CA THR A 115 -5.51 1.25 7.59
C THR A 115 -5.82 2.62 7.01
N GLY A 116 -6.08 2.67 5.71
CA GLY A 116 -6.40 3.93 5.04
C GLY A 116 -5.17 4.57 4.40
N CYS A 117 -5.40 5.63 3.63
CA CYS A 117 -4.34 6.27 2.85
C CYS A 117 -4.65 7.73 2.54
N MET A 118 -3.60 8.55 2.48
CA MET A 118 -3.74 9.98 2.16
C MET A 118 -3.92 10.22 0.65
N GLY A 119 -3.60 9.22 -0.17
CA GLY A 119 -3.66 9.37 -1.63
C GLY A 119 -5.08 9.37 -2.18
N HIS A 120 -5.21 9.77 -3.44
CA HIS A 120 -6.51 9.83 -4.10
C HIS A 120 -6.51 9.08 -5.43
N CYS A 121 -5.94 7.88 -5.44
CA CYS A 121 -5.93 7.06 -6.66
C CYS A 121 -7.38 6.74 -7.06
N HIS A 122 -7.74 7.11 -8.29
CA HIS A 122 -9.11 7.00 -8.79
C HIS A 122 -9.64 5.57 -8.77
N TYR A 123 -8.75 4.63 -9.04
CA TYR A 123 -9.08 3.20 -9.16
C TYR A 123 -9.00 2.44 -7.84
N CYS A 124 -8.48 3.09 -6.80
CA CYS A 124 -8.12 2.42 -5.54
C CYS A 124 -9.18 1.44 -5.04
N TYR A 125 -8.77 0.22 -4.69
CA TYR A 125 -9.71 -0.80 -4.20
C TYR A 125 -10.10 -0.56 -2.74
N LEU A 126 -9.37 0.31 -2.04
CA LEU A 126 -9.73 0.71 -0.67
C LEU A 126 -11.07 1.47 -0.62
N GLN A 127 -11.48 2.07 -1.74
CA GLN A 127 -12.76 2.78 -1.81
C GLN A 127 -13.95 1.86 -1.50
N THR A 128 -13.83 0.59 -1.89
CA THR A 128 -14.85 -0.43 -1.58
C THR A 128 -14.45 -1.26 -0.35
N THR A 129 -13.15 -1.47 -0.16
CA THR A 129 -12.63 -2.19 1.02
C THR A 129 -12.78 -1.38 2.31
N LEU A 130 -12.91 -0.05 2.18
CA LEU A 130 -13.21 0.84 3.30
C LEU A 130 -14.40 1.74 2.95
N GLY A 131 -14.80 2.60 3.89
CA GLY A 131 -15.93 3.50 3.66
C GLY A 131 -16.44 4.17 4.92
N PRO A 134 -13.05 6.60 5.60
CA PRO A 134 -11.77 6.33 4.95
C PRO A 134 -10.60 7.09 5.59
N TYR A 135 -10.70 7.33 6.90
CA TYR A 135 -9.63 8.00 7.65
C TYR A 135 -8.43 7.07 7.83
N ILE A 136 -7.30 7.67 8.16
CA ILE A 136 -6.05 6.93 8.32
C ILE A 136 -5.93 6.45 9.75
N ARG A 137 -5.99 5.13 9.95
CA ARG A 137 -5.95 4.53 11.26
C ARG A 137 -4.54 3.99 11.52
N VAL A 138 -3.96 4.32 12.66
CA VAL A 138 -2.69 3.73 13.08
C VAL A 138 -2.85 3.07 14.45
N TYR A 139 -2.21 1.92 14.62
CA TYR A 139 -2.33 1.12 15.84
C TYR A 139 -1.09 1.25 16.71
N VAL A 140 -1.30 1.36 18.03
CA VAL A 140 -0.22 1.66 18.96
C VAL A 140 0.31 0.44 19.73
N ASN A 141 -0.51 -0.61 19.86
CA ASN A 141 -0.13 -1.80 20.63
C ASN A 141 0.77 -2.73 19.82
N LEU A 142 2.00 -2.29 19.59
CA LEU A 142 2.96 -3.01 18.76
C LEU A 142 3.46 -4.29 19.44
N ASP A 143 3.60 -4.27 20.76
CA ASP A 143 3.93 -5.47 21.54
C ASP A 143 2.97 -6.60 21.20
N ASP A 144 1.66 -6.31 21.28
CA ASP A 144 0.62 -7.29 20.99
C ASP A 144 0.66 -7.77 19.54
N ILE A 145 0.81 -6.82 18.63
CA ILE A 145 0.80 -7.11 17.20
C ILE A 145 2.00 -7.96 16.80
N PHE A 146 3.19 -7.57 17.26
CA PHE A 146 4.40 -8.32 16.98
C PHE A 146 4.40 -9.69 17.68
N ALA A 147 3.85 -9.75 18.89
CA ALA A 147 3.71 -11.02 19.60
C ALA A 147 2.83 -11.98 18.82
N GLN A 148 1.73 -11.47 18.27
CA GLN A 148 0.85 -12.28 17.45
C GLN A 148 1.52 -12.71 16.14
N ALA A 149 2.32 -11.82 15.56
CA ALA A 149 3.12 -12.15 14.38
C ALA A 149 4.08 -13.30 14.66
N GLN A 150 4.74 -13.25 15.82
CA GLN A 150 5.67 -14.31 16.23
C GLN A 150 4.96 -15.66 16.40
N LYS A 151 3.71 -15.65 16.88
CA LYS A 151 2.94 -16.89 17.03
C LYS A 151 2.64 -17.54 15.68
N TYR A 152 2.27 -16.72 14.70
CA TYR A 152 2.05 -17.22 13.34
C TYR A 152 3.34 -17.82 12.75
N ILE A 153 4.47 -17.17 13.03
CA ILE A 153 5.77 -17.66 12.57
C ILE A 153 6.11 -19.01 13.21
N ASN A 154 5.89 -19.13 14.51
CA ASN A 154 6.14 -20.38 15.24
C ASN A 154 5.25 -21.52 14.77
N GLU A 155 4.00 -21.21 14.44
CA GLU A 155 3.02 -22.21 13.99
C GLU A 155 3.33 -22.82 12.62
N ARG A 156 4.21 -22.18 11.86
CA ARG A 156 4.60 -22.66 10.53
C ARG A 156 6.08 -23.04 10.41
N ALA A 157 6.90 -22.67 11.40
CA ALA A 157 8.34 -22.94 11.34
C ALA A 157 8.61 -24.44 11.20
N PRO A 158 9.71 -24.81 10.49
CA PRO A 158 10.75 -23.96 9.93
C PRO A 158 10.44 -23.36 8.54
N GLU A 159 9.22 -23.52 8.05
CA GLU A 159 8.80 -22.85 6.81
C GLU A 159 8.78 -21.33 7.01
N ILE A 160 9.03 -20.59 5.95
CA ILE A 160 9.04 -19.12 6.00
C ILE A 160 7.61 -18.60 6.03
N THR A 161 7.36 -17.59 6.86
CA THR A 161 6.07 -16.90 6.90
C THR A 161 6.27 -15.43 6.53
N ARG A 162 5.69 -15.03 5.39
CA ARG A 162 5.80 -13.66 4.92
C ARG A 162 4.63 -12.82 5.42
N PHE A 163 4.90 -11.54 5.68
CA PHE A 163 3.87 -10.60 6.14
C PHE A 163 3.80 -9.39 5.22
N GLU A 164 2.58 -9.05 4.80
CA GLU A 164 2.32 -7.84 4.02
C GLU A 164 1.88 -6.73 4.96
N ALA A 165 2.63 -5.62 4.99
CA ALA A 165 2.34 -4.50 5.88
C ALA A 165 1.58 -3.36 5.20
N ALA A 166 1.36 -3.45 3.89
CA ALA A 166 0.67 -2.39 3.14
C ALA A 166 -0.58 -2.89 2.41
N ALA A 167 -1.24 -3.89 3.01
CA ALA A 167 -2.41 -4.50 2.39
C ALA A 167 -3.60 -3.55 2.32
N THR A 168 -3.81 -2.79 3.38
CA THR A 168 -4.96 -1.91 3.50
C THR A 168 -4.57 -0.45 3.72
N SER A 169 -3.33 -0.10 3.42
CA SER A 169 -2.82 1.25 3.62
C SER A 169 -1.52 1.45 2.87
N ASP A 170 -1.10 2.71 2.74
CA ASP A 170 0.27 3.02 2.35
C ASP A 170 1.09 3.25 3.62
N ILE A 171 1.58 2.15 4.19
CA ILE A 171 2.25 2.17 5.47
C ILE A 171 3.53 3.01 5.45
N VAL A 172 4.23 2.99 4.32
CA VAL A 172 5.47 3.77 4.17
C VAL A 172 5.19 5.28 4.15
N GLY A 173 4.14 5.69 3.44
CA GLY A 173 3.75 7.09 3.37
C GLY A 173 3.36 7.70 4.71
N ILE A 174 2.86 6.85 5.62
CA ILE A 174 2.43 7.27 6.95
C ILE A 174 3.59 7.25 7.96
N ASP A 175 4.57 6.39 7.72
CA ASP A 175 5.49 5.94 8.79
C ASP A 175 6.41 7.00 9.40
N HIS A 176 6.70 8.08 8.68
CA HIS A 176 7.53 9.15 9.22
C HIS A 176 6.92 9.75 10.50
N LEU A 177 5.59 9.66 10.63
CA LEU A 177 4.89 10.12 11.82
C LEU A 177 5.06 9.20 13.02
N THR A 178 5.17 7.89 12.78
CA THR A 178 5.09 6.88 13.84
C THR A 178 6.36 6.02 14.02
N HIS A 179 6.98 5.65 12.90
CA HIS A 179 8.12 4.72 12.88
C HIS A 179 7.72 3.30 13.30
N SER A 180 6.44 2.95 13.09
CA SER A 180 5.94 1.62 13.40
C SER A 180 6.48 0.57 12.43
N LEU A 181 6.55 0.94 11.15
CA LEU A 181 7.08 0.06 10.12
C LEU A 181 8.55 -0.23 10.38
N LYS A 182 9.30 0.81 10.74
CA LYS A 182 10.71 0.66 11.11
C LYS A 182 10.86 -0.34 12.24
N LYS A 183 10.00 -0.25 13.26
CA LYS A 183 10.00 -1.22 14.36
C LYS A 183 9.61 -2.61 13.90
N ALA A 184 8.64 -2.69 12.98
CA ALA A 184 8.24 -3.97 12.39
C ALA A 184 9.37 -4.59 11.56
N ILE A 185 10.06 -3.73 10.80
CA ILE A 185 11.21 -4.15 10.00
C ILE A 185 12.30 -4.80 10.88
N GLU A 186 12.62 -4.15 11.99
CA GLU A 186 13.68 -4.63 12.88
C GLU A 186 13.24 -5.87 13.68
N PHE A 187 11.98 -5.89 14.10
CA PHE A 187 11.40 -7.09 14.72
C PHE A 187 11.51 -8.31 13.80
N ILE A 188 11.04 -8.16 12.55
CA ILE A 188 11.14 -9.24 11.57
C ILE A 188 12.60 -9.59 11.30
N GLY A 189 13.45 -8.58 11.24
CA GLY A 189 14.89 -8.78 11.09
C GLY A 189 15.54 -9.66 12.15
N ALA A 190 14.99 -9.63 13.36
CA ALA A 190 15.51 -10.43 14.47
C ALA A 190 15.04 -11.90 14.44
N THR A 191 13.94 -12.16 13.75
CA THR A 191 13.41 -13.52 13.63
C THR A 191 14.18 -14.31 12.58
N ASP A 192 14.16 -15.64 12.70
CA ASP A 192 14.82 -16.51 11.72
C ASP A 192 13.89 -16.85 10.55
N TYR A 193 12.63 -17.11 10.85
CA TYR A 193 11.67 -17.60 9.86
C TYR A 193 10.67 -16.57 9.36
N GLY A 194 10.73 -15.35 9.88
CA GLY A 194 9.82 -14.27 9.48
C GLY A 194 10.37 -13.45 8.32
N ARG A 195 9.46 -12.98 7.47
CA ARG A 195 9.81 -12.08 6.36
C ARG A 195 8.76 -10.98 6.26
N LEU A 196 9.21 -9.78 5.90
CA LEU A 196 8.33 -8.62 5.76
C LEU A 196 8.33 -8.11 4.33
N ARG A 197 7.20 -7.55 3.91
CA ARG A 197 7.13 -6.87 2.61
C ARG A 197 6.02 -5.83 2.59
N PHE A 198 6.24 -4.79 1.78
CA PHE A 198 5.27 -3.71 1.63
C PHE A 198 5.54 -2.95 0.34
N VAL A 199 4.51 -2.27 -0.16
CA VAL A 199 4.60 -1.51 -1.40
C VAL A 199 4.06 -0.09 -1.15
N THR A 200 4.63 0.89 -1.85
CA THR A 200 4.28 2.29 -1.63
C THR A 200 4.28 3.10 -2.93
N LYS A 201 3.62 4.24 -2.89
CA LYS A 201 3.71 5.24 -3.96
C LYS A 201 4.37 6.53 -3.44
N TYR A 202 5.07 6.45 -2.31
CA TYR A 202 5.65 7.63 -1.68
C TYR A 202 7.16 7.52 -1.50
N GLU A 203 7.82 8.67 -1.60
CA GLU A 203 9.29 8.75 -1.58
C GLU A 203 9.87 9.00 -0.18
N HIS A 204 9.00 9.17 0.80
CA HIS A 204 9.41 9.64 2.12
C HIS A 204 9.92 8.47 2.97
N VAL A 205 11.11 8.00 2.61
CA VAL A 205 11.70 6.78 3.17
C VAL A 205 12.99 7.00 3.93
N ASP A 206 13.40 8.25 4.13
CA ASP A 206 14.71 8.58 4.70
C ASP A 206 14.95 7.97 6.08
N HIS A 207 13.93 8.02 6.93
CA HIS A 207 14.03 7.50 8.30
C HIS A 207 14.17 5.97 8.36
N LEU A 208 13.83 5.29 7.27
CA LEU A 208 13.91 3.83 7.21
C LEU A 208 15.26 3.30 6.71
N LEU A 209 16.15 4.20 6.26
CA LEU A 209 17.37 3.79 5.59
C LEU A 209 18.41 3.12 6.49
N ASP A 210 18.49 3.55 7.75
CA ASP A 210 19.44 2.97 8.70
C ASP A 210 18.81 1.89 9.59
N ALA A 211 17.65 1.39 9.18
CA ALA A 211 16.95 0.34 9.92
C ALA A 211 17.67 -1.00 9.77
N ARG A 212 17.71 -1.78 10.86
CA ARG A 212 18.34 -3.10 10.84
C ARG A 212 17.37 -4.14 10.24
N HIS A 213 17.23 -4.09 8.92
CA HIS A 213 16.33 -5.00 8.19
C HIS A 213 16.87 -6.43 8.10
N ASN A 214 18.19 -6.57 8.14
CA ASN A 214 18.87 -7.88 8.10
C ASN A 214 18.52 -8.72 6.86
N GLY A 215 18.22 -8.04 5.75
CA GLY A 215 17.91 -8.70 4.48
C GLY A 215 16.59 -9.45 4.43
N LYS A 216 15.70 -9.17 5.39
CA LYS A 216 14.43 -9.90 5.49
C LYS A 216 13.21 -9.03 5.12
N THR A 217 13.46 -7.86 4.54
CA THR A 217 12.37 -6.97 4.10
C THR A 217 12.45 -6.66 2.60
N ARG A 218 11.36 -6.96 1.89
CA ARG A 218 11.21 -6.59 0.50
C ARG A 218 10.53 -5.22 0.42
N PHE A 219 11.28 -4.22 -0.05
CA PHE A 219 10.79 -2.85 -0.16
C PHE A 219 10.36 -2.62 -1.60
N ARG A 220 9.05 -2.57 -1.83
CA ARG A 220 8.50 -2.45 -3.18
C ARG A 220 7.89 -1.08 -3.44
N PHE A 221 7.80 -0.73 -4.72
CA PHE A 221 7.19 0.52 -5.15
C PHE A 221 6.18 0.24 -6.26
N SER A 222 4.99 0.83 -6.14
CA SER A 222 4.00 0.74 -7.21
C SER A 222 4.42 1.63 -8.37
N ILE A 223 4.41 1.06 -9.57
CA ILE A 223 4.74 1.81 -10.79
C ILE A 223 3.71 1.50 -11.87
N ASN A 224 3.66 2.37 -12.88
CA ASN A 224 2.65 2.27 -13.92
C ASN A 224 3.05 3.13 -15.12
N SER A 225 2.25 3.06 -16.19
CA SER A 225 2.47 3.88 -17.36
C SER A 225 2.21 5.35 -17.03
N ARG A 226 2.83 6.24 -17.80
CA ARG A 226 2.66 7.68 -17.63
C ARG A 226 1.18 8.09 -17.64
N TYR A 227 0.40 7.44 -18.49
CA TYR A 227 -1.05 7.70 -18.60
C TYR A 227 -1.75 7.46 -17.26
N VAL A 228 -1.52 6.30 -16.66
CA VAL A 228 -2.19 5.91 -15.42
C VAL A 228 -1.75 6.81 -14.25
N ILE A 229 -0.46 7.11 -14.18
CA ILE A 229 0.09 7.95 -13.12
C ILE A 229 -0.44 9.39 -13.21
N ASN A 230 -0.39 9.98 -14.40
CA ASN A 230 -0.83 11.35 -14.61
C ASN A 230 -2.33 11.56 -14.45
N HIS A 231 -3.12 10.60 -14.92
CA HIS A 231 -4.58 10.73 -14.90
C HIS A 231 -5.24 10.21 -13.61
N PHE A 232 -4.69 9.14 -13.03
CA PHE A 232 -5.38 8.42 -11.95
C PHE A 232 -4.70 8.38 -10.58
N GLU A 233 -3.50 8.94 -10.44
CA GLU A 233 -2.76 8.84 -9.17
C GLU A 233 -2.38 10.18 -8.52
N PRO A 234 -3.37 11.07 -8.30
CA PRO A 234 -3.08 12.32 -7.60
C PRO A 234 -2.93 12.12 -6.10
N GLY A 235 -2.13 12.97 -5.46
CA GLY A 235 -1.88 12.88 -4.02
C GLY A 235 -0.84 11.84 -3.64
N THR A 236 -0.12 11.33 -4.64
CA THR A 236 1.00 10.41 -4.42
C THR A 236 2.28 11.09 -4.89
N SER A 237 3.41 10.44 -4.66
CA SER A 237 4.69 10.93 -5.17
C SER A 237 4.79 10.64 -6.66
N SER A 238 5.61 11.43 -7.36
CA SER A 238 5.81 11.26 -8.79
C SER A 238 6.59 9.98 -9.07
N PHE A 239 6.59 9.56 -10.34
CA PHE A 239 7.35 8.39 -10.76
C PHE A 239 8.84 8.57 -10.45
N ASP A 240 9.37 9.76 -10.71
CA ASP A 240 10.78 10.08 -10.42
C ASP A 240 11.07 10.04 -8.92
N GLY A 241 10.15 10.57 -8.11
CA GLY A 241 10.28 10.52 -6.66
C GLY A 241 10.31 9.10 -6.14
N ARG A 242 9.44 8.26 -6.66
CA ARG A 242 9.39 6.84 -6.27
C ARG A 242 10.70 6.13 -6.63
N LEU A 243 11.25 6.46 -7.80
CA LEU A 243 12.49 5.85 -8.26
C LEU A 243 13.71 6.37 -7.51
N ALA A 244 13.69 7.64 -7.14
CA ALA A 244 14.71 8.20 -6.26
C ALA A 244 14.71 7.44 -4.92
N ALA A 245 13.52 7.22 -4.38
CA ALA A 245 13.35 6.44 -3.15
C ALA A 245 13.79 4.98 -3.32
N ALA A 246 13.53 4.42 -4.50
CA ALA A 246 13.92 3.03 -4.80
C ALA A 246 15.44 2.85 -4.80
N ARG A 247 16.17 3.84 -5.32
CA ARG A 247 17.62 3.81 -5.31
C ARG A 247 18.18 3.93 -3.89
N LYS A 248 17.52 4.75 -3.06
CA LYS A 248 17.94 4.93 -1.66
C LYS A 248 17.82 3.63 -0.85
N VAL A 249 16.68 2.96 -0.96
CA VAL A 249 16.44 1.73 -0.19
C VAL A 249 17.35 0.59 -0.66
N ALA A 250 17.58 0.48 -1.97
CA ALA A 250 18.49 -0.53 -2.51
C ALA A 250 19.92 -0.29 -2.05
N GLY A 251 20.32 0.97 -1.98
CA GLY A 251 21.63 1.36 -1.46
C GLY A 251 21.80 1.10 0.02
N ALA A 252 20.68 1.04 0.74
CA ALA A 252 20.67 0.71 2.17
C ALA A 252 20.56 -0.79 2.43
N GLY A 253 20.55 -1.60 1.36
CA GLY A 253 20.63 -3.06 1.49
C GLY A 253 19.30 -3.79 1.48
N TYR A 254 18.19 -3.06 1.36
CA TYR A 254 16.88 -3.68 1.28
C TYR A 254 16.77 -4.52 0.01
N LYS A 255 16.01 -5.61 0.09
CA LYS A 255 15.59 -6.33 -1.09
C LYS A 255 14.62 -5.41 -1.83
N LEU A 256 14.86 -5.23 -3.13
CA LEU A 256 14.04 -4.31 -3.94
C LEU A 256 13.07 -5.08 -4.82
N GLY A 257 11.91 -4.46 -5.07
CA GLY A 257 10.90 -5.02 -5.94
C GLY A 257 9.97 -3.94 -6.46
N PHE A 258 9.18 -4.28 -7.47
CA PHE A 258 8.21 -3.35 -8.02
C PHE A 258 6.87 -4.04 -8.22
N VAL A 259 5.79 -3.28 -8.03
CA VAL A 259 4.44 -3.77 -8.27
C VAL A 259 3.85 -2.97 -9.42
N VAL A 260 3.71 -3.62 -10.58
CA VAL A 260 3.10 -2.99 -11.75
C VAL A 260 1.61 -3.21 -11.63
N ALA A 261 0.90 -2.18 -11.16
CA ALA A 261 -0.53 -2.28 -10.89
C ALA A 261 -1.12 -0.90 -10.64
N PRO A 262 -2.35 -0.63 -11.12
CA PRO A 262 -3.19 -1.52 -11.93
C PRO A 262 -2.74 -1.52 -13.38
N ILE A 263 -2.63 -2.70 -13.97
CA ILE A 263 -2.33 -2.81 -15.39
C ILE A 263 -3.65 -2.52 -16.12
N TYR A 264 -3.66 -1.43 -16.87
CA TYR A 264 -4.89 -0.84 -17.38
C TYR A 264 -4.76 -0.63 -18.89
N ARG A 265 -5.72 -1.15 -19.66
CA ARG A 265 -5.66 -1.11 -21.12
C ARG A 265 -6.16 0.23 -21.68
N HIS A 266 -5.39 1.29 -21.43
CA HIS A 266 -5.70 2.62 -21.99
C HIS A 266 -5.23 2.70 -23.44
N GLU A 267 -5.61 3.80 -24.10
CA GLU A 267 -5.19 4.02 -25.48
C GLU A 267 -3.67 4.07 -25.56
N GLY A 268 -3.10 3.16 -26.33
CA GLY A 268 -1.64 3.04 -26.47
C GLY A 268 -0.97 2.44 -25.25
N TRP A 269 -1.63 1.46 -24.63
CA TRP A 269 -1.08 0.81 -23.42
C TRP A 269 0.18 -0.01 -23.73
N GLU A 270 0.22 -0.66 -24.88
CA GLU A 270 1.36 -1.50 -25.24
C GLU A 270 2.66 -0.69 -25.30
N ARG A 271 2.59 0.50 -25.89
CA ARG A 271 3.74 1.39 -25.96
C ARG A 271 3.95 2.14 -24.64
N GLY A 272 2.85 2.47 -23.97
CA GLY A 272 2.90 3.13 -22.67
C GLY A 272 3.65 2.32 -21.62
N TYR A 273 3.38 1.02 -21.56
CA TYR A 273 4.06 0.13 -20.61
C TYR A 273 5.47 -0.25 -21.07
N PHE A 274 5.72 -0.24 -22.38
CA PHE A 274 7.07 -0.41 -22.90
C PHE A 274 7.98 0.72 -22.40
N GLU A 275 7.50 1.95 -22.55
CA GLU A 275 8.22 3.14 -22.10
C GLU A 275 8.47 3.13 -20.59
N LEU A 276 7.54 2.55 -19.84
CA LEU A 276 7.69 2.39 -18.39
C LEU A 276 8.93 1.57 -18.06
N PHE A 277 9.00 0.35 -18.60
CA PHE A 277 10.10 -0.56 -18.30
C PHE A 277 11.44 -0.07 -18.85
N GLN A 278 11.40 0.60 -20.01
CA GLN A 278 12.57 1.25 -20.57
C GLN A 278 13.09 2.33 -19.64
N GLU A 279 12.18 3.22 -19.22
CA GLU A 279 12.52 4.29 -18.30
C GLU A 279 12.95 3.77 -16.92
N LEU A 280 12.30 2.69 -16.47
CA LEU A 280 12.67 2.03 -15.22
C LEU A 280 14.09 1.51 -15.25
N ALA A 281 14.48 0.89 -16.38
CA ALA A 281 15.82 0.36 -16.56
C ALA A 281 16.87 1.47 -16.60
N ARG A 282 16.51 2.61 -17.20
CA ARG A 282 17.38 3.77 -17.27
C ARG A 282 17.63 4.39 -15.89
N GLN A 283 16.60 4.42 -15.05
CA GLN A 283 16.70 5.03 -13.72
C GLN A 283 17.31 4.10 -12.67
N LEU A 284 17.51 2.82 -13.02
CA LEU A 284 18.20 1.87 -12.14
C LEU A 284 19.51 1.40 -12.80
N GLU A 285 20.15 2.29 -13.55
CA GLU A 285 21.37 1.95 -14.28
C GLU A 285 22.54 1.88 -13.28
N GLY A 286 23.36 0.84 -13.42
CA GLY A 286 24.52 0.65 -12.55
C GLY A 286 24.13 0.29 -11.14
N MET A 287 23.22 -0.67 -11.00
CA MET A 287 22.79 -1.16 -9.70
C MET A 287 22.71 -2.68 -9.73
N ASP A 288 22.89 -3.30 -8.56
CA ASP A 288 22.76 -4.74 -8.43
C ASP A 288 21.28 -5.10 -8.49
N LEU A 289 20.84 -5.58 -9.65
CA LEU A 289 19.44 -5.96 -9.87
C LEU A 289 19.24 -7.48 -9.83
N SER A 290 20.16 -8.19 -9.19
CA SER A 290 19.95 -9.60 -8.89
C SER A 290 18.98 -9.68 -7.71
N ASP A 291 18.05 -10.62 -7.77
CA ASP A 291 16.99 -10.74 -6.77
C ASP A 291 16.03 -9.54 -6.78
N LEU A 292 15.84 -8.93 -7.96
CA LEU A 292 14.79 -7.94 -8.15
C LEU A 292 13.52 -8.71 -8.50
N THR A 293 12.41 -8.36 -7.86
CA THR A 293 11.13 -9.02 -8.13
C THR A 293 10.12 -8.07 -8.77
N PHE A 294 9.23 -8.64 -9.58
CA PHE A 294 8.11 -7.90 -10.16
C PHE A 294 6.81 -8.58 -9.80
N GLU A 295 5.78 -7.78 -9.55
CA GLU A 295 4.44 -8.27 -9.26
C GLU A 295 3.46 -7.54 -10.17
N LEU A 296 2.53 -8.30 -10.76
CA LEU A 296 1.68 -7.79 -11.81
C LEU A 296 0.21 -7.96 -11.44
N ILE A 297 -0.52 -6.86 -11.37
CA ILE A 297 -1.93 -6.88 -11.03
C ILE A 297 -2.72 -6.11 -12.08
N GLN A 298 -3.61 -6.80 -12.78
CA GLN A 298 -4.49 -6.15 -13.75
C GLN A 298 -5.57 -5.35 -13.01
N HIS A 299 -6.02 -4.27 -13.64
CA HIS A 299 -7.07 -3.43 -13.07
C HIS A 299 -8.33 -4.25 -12.81
N ARG A 300 -8.89 -4.05 -11.61
CA ARG A 300 -10.08 -4.77 -11.17
C ARG A 300 -10.98 -3.81 -10.42
N PHE A 301 -12.29 -4.05 -10.49
CA PHE A 301 -13.25 -3.25 -9.75
C PHE A 301 -14.51 -4.07 -9.45
N THR A 302 -15.13 -3.77 -8.32
CA THR A 302 -16.37 -4.44 -7.91
C THR A 302 -17.56 -3.69 -8.51
N LYS A 303 -18.73 -4.32 -8.47
CA LYS A 303 -19.95 -3.74 -9.05
C LYS A 303 -20.38 -2.42 -8.39
N PRO A 304 -20.26 -2.33 -7.04
CA PRO A 304 -20.55 -1.06 -6.37
C PRO A 304 -19.57 0.06 -6.73
N ALA A 305 -18.31 -0.29 -6.94
CA ALA A 305 -17.24 0.66 -7.24
C ALA A 305 -17.59 1.62 -8.38
N LYS A 306 -18.28 1.10 -9.39
CA LYS A 306 -18.72 1.92 -10.53
C LYS A 306 -19.46 3.18 -10.07
N ARG A 307 -20.43 3.00 -9.18
CA ARG A 307 -21.26 4.10 -8.69
C ARG A 307 -20.51 4.95 -7.65
N VAL A 308 -19.77 4.28 -6.76
CA VAL A 308 -19.03 4.97 -5.71
C VAL A 308 -17.96 5.88 -6.28
N ILE A 309 -17.21 5.39 -7.26
CA ILE A 309 -16.17 6.17 -7.94
C ILE A 309 -16.79 7.33 -8.74
N GLU A 310 -17.97 7.10 -9.29
CA GLU A 310 -18.65 8.11 -10.11
C GLU A 310 -19.03 9.36 -9.32
N GLN A 311 -19.29 9.20 -8.02
CA GLN A 311 -19.64 10.33 -7.15
C GLN A 311 -18.47 10.81 -6.28
N ARG A 312 -17.37 10.06 -6.27
CA ARG A 312 -16.14 10.48 -5.57
C ARG A 312 -15.12 11.11 -6.51
N TYR A 313 -15.18 10.74 -7.79
CA TYR A 313 -14.37 11.35 -8.85
C TYR A 313 -15.22 11.50 -10.10
N PRO A 314 -16.02 12.59 -10.17
CA PRO A 314 -17.06 12.72 -11.20
C PRO A 314 -16.55 12.78 -12.64
N LYS A 315 -15.50 13.58 -12.88
CA LYS A 315 -14.95 13.73 -14.23
C LYS A 315 -13.61 12.99 -14.38
N THR A 316 -13.57 11.76 -13.90
CA THR A 316 -12.41 10.89 -14.11
C THR A 316 -12.49 10.24 -15.49
N ARG A 317 -11.33 9.98 -16.08
CA ARG A 317 -11.25 9.29 -17.36
C ARG A 317 -11.22 7.77 -17.20
N LEU A 318 -11.35 7.29 -15.97
CA LEU A 318 -11.26 5.85 -15.67
C LEU A 318 -12.42 5.09 -16.32
N ASP A 319 -12.07 4.12 -17.15
CA ASP A 319 -13.05 3.32 -17.89
C ASP A 319 -13.51 2.15 -17.01
N LEU A 320 -14.73 2.26 -16.49
CA LEU A 320 -15.34 1.21 -15.68
C LEU A 320 -16.46 0.50 -16.45
N ASP A 321 -16.26 0.32 -17.76
CA ASP A 321 -17.26 -0.30 -18.62
C ASP A 321 -17.26 -1.81 -18.41
N GLU A 322 -18.32 -2.30 -17.77
CA GLU A 322 -18.49 -3.71 -17.45
C GLU A 322 -18.55 -4.64 -18.68
N THR A 323 -19.00 -4.10 -19.81
CA THR A 323 -19.17 -4.89 -21.03
C THR A 323 -17.85 -5.32 -21.68
N LYS A 324 -16.75 -4.65 -21.31
CA LYS A 324 -15.42 -5.02 -21.80
C LYS A 324 -14.62 -5.82 -20.77
N ARG A 325 -15.31 -6.43 -19.80
CA ARG A 325 -14.67 -7.16 -18.70
C ARG A 325 -15.28 -8.54 -18.48
N LYS A 326 -14.54 -9.39 -17.80
CA LYS A 326 -15.01 -10.70 -17.34
C LYS A 326 -15.29 -10.59 -15.83
N TYR A 327 -16.45 -11.06 -15.40
CA TYR A 327 -16.77 -11.06 -13.97
C TYR A 327 -16.27 -12.35 -13.31
N LYS A 328 -15.37 -12.20 -12.35
CA LYS A 328 -14.85 -13.32 -11.59
C LYS A 328 -15.60 -13.41 -10.26
N TRP A 329 -16.40 -14.46 -10.11
CA TRP A 329 -17.28 -14.60 -8.96
C TRP A 329 -16.45 -14.88 -7.70
N GLY A 330 -16.87 -14.28 -6.59
CA GLY A 330 -16.15 -14.40 -5.33
C GLY A 330 -16.30 -15.76 -4.67
N ARG A 331 -15.47 -16.02 -3.68
CA ARG A 331 -15.53 -17.25 -2.90
C ARG A 331 -16.08 -16.90 -1.51
N TYR A 332 -15.24 -16.31 -0.66
CA TYR A 332 -15.68 -15.83 0.66
C TYR A 332 -16.04 -14.34 0.60
N GLY A 333 -15.37 -13.60 -0.28
CA GLY A 333 -15.66 -12.19 -0.50
C GLY A 333 -16.51 -11.99 -1.74
N ILE A 334 -16.76 -10.72 -2.07
CA ILE A 334 -17.53 -10.38 -3.26
C ILE A 334 -16.65 -10.50 -4.51
N GLY A 335 -17.27 -10.81 -5.64
CA GLY A 335 -16.57 -10.92 -6.91
C GLY A 335 -16.11 -9.58 -7.46
N LYS A 336 -15.49 -9.60 -8.63
CA LYS A 336 -14.99 -8.37 -9.25
C LYS A 336 -14.77 -8.54 -10.76
N TYR A 337 -14.85 -7.42 -11.47
CA TYR A 337 -14.57 -7.42 -12.90
C TYR A 337 -13.07 -7.41 -13.14
N VAL A 338 -12.62 -8.26 -14.04
CA VAL A 338 -11.25 -8.24 -14.55
C VAL A 338 -11.35 -8.30 -16.07
N TYR A 339 -10.22 -8.17 -16.76
CA TYR A 339 -10.22 -8.30 -18.21
C TYR A 339 -10.50 -9.75 -18.59
N ARG A 340 -11.07 -9.95 -19.77
CA ARG A 340 -11.32 -11.29 -20.29
C ARG A 340 -10.01 -12.07 -20.39
N ASP A 341 -10.11 -13.40 -20.27
CA ASP A 341 -8.93 -14.27 -20.26
C ASP A 341 -7.91 -13.94 -21.36
N GLU A 342 -8.42 -13.62 -22.55
CA GLU A 342 -7.57 -13.37 -23.70
C GLU A 342 -6.83 -12.03 -23.56
N GLU A 343 -7.55 -10.99 -23.17
CA GLU A 343 -6.95 -9.67 -22.96
C GLU A 343 -6.03 -9.65 -21.74
N ALA A 344 -6.37 -10.46 -20.73
CA ALA A 344 -5.53 -10.63 -19.55
C ALA A 344 -4.20 -11.30 -19.92
N LYS A 345 -4.25 -12.28 -20.82
CA LYS A 345 -3.04 -12.98 -21.27
C LYS A 345 -2.17 -12.07 -22.13
N GLU A 346 -2.80 -11.21 -22.93
CA GLU A 346 -2.07 -10.19 -23.69
C GLU A 346 -1.23 -9.33 -22.76
N LEU A 347 -1.85 -8.88 -21.67
CA LEU A 347 -1.15 -8.07 -20.67
C LEU A 347 -0.01 -8.86 -20.01
N GLU A 348 -0.32 -10.06 -19.54
CA GLU A 348 0.69 -10.87 -18.84
C GLU A 348 1.89 -11.14 -19.75
N ASP A 349 1.64 -11.72 -20.92
CA ASP A 349 2.70 -12.02 -21.89
C ASP A 349 3.53 -10.78 -22.22
N THR A 350 2.86 -9.64 -22.41
CA THR A 350 3.52 -8.40 -22.74
C THR A 350 4.41 -7.89 -21.60
N MET A 351 3.86 -7.84 -20.39
CA MET A 351 4.63 -7.42 -19.21
C MET A 351 5.85 -8.33 -19.01
N ARG A 352 5.63 -9.64 -19.12
CA ARG A 352 6.72 -10.62 -18.98
C ARG A 352 7.82 -10.40 -20.01
N ARG A 353 7.44 -10.05 -21.24
CA ARG A 353 8.38 -9.85 -22.33
C ARG A 353 9.27 -8.63 -22.09
N TYR A 354 8.67 -7.53 -21.62
CA TYR A 354 9.41 -6.31 -21.33
C TYR A 354 10.34 -6.48 -20.14
N ILE A 355 9.89 -7.20 -19.11
CA ILE A 355 10.71 -7.46 -17.93
C ILE A 355 11.95 -8.29 -18.28
N GLU A 356 11.78 -9.29 -19.12
CA GLU A 356 12.90 -10.12 -19.57
C GLU A 356 13.86 -9.36 -20.49
N GLN A 357 13.33 -8.42 -21.28
CA GLN A 357 14.15 -7.59 -22.15
C GLN A 357 14.99 -6.61 -21.34
N PHE A 358 14.35 -5.90 -20.42
CA PHE A 358 15.01 -4.81 -19.70
C PHE A 358 15.60 -5.22 -18.35
N PHE A 359 15.19 -6.37 -17.81
CA PHE A 359 15.71 -6.86 -16.54
C PHE A 359 15.95 -8.38 -16.58
N PRO A 360 16.98 -8.82 -17.33
CA PRO A 360 17.28 -10.24 -17.43
C PRO A 360 17.58 -10.88 -16.07
N GLY A 361 16.90 -11.98 -15.76
CA GLY A 361 17.07 -12.66 -14.49
C GLY A 361 16.10 -12.23 -13.41
N ALA A 362 15.43 -11.09 -13.60
CA ALA A 362 14.42 -10.62 -12.65
C ALA A 362 13.27 -11.61 -12.59
N TYR A 363 12.70 -11.80 -11.40
CA TYR A 363 11.67 -12.80 -11.20
C TYR A 363 10.28 -12.16 -11.09
N VAL A 364 9.36 -12.58 -11.94
CA VAL A 364 7.97 -12.19 -11.83
C VAL A 364 7.29 -13.16 -10.88
N GLN A 365 6.87 -12.67 -9.72
CA GLN A 365 6.29 -13.51 -8.67
C GLN A 365 4.91 -14.03 -9.06
N TYR A 366 4.10 -13.19 -9.68
CA TYR A 366 2.76 -13.61 -10.12
C TYR A 366 2.13 -12.62 -11.10
N PHE A 367 1.13 -13.12 -11.83
CA PHE A 367 0.18 -12.28 -12.54
C PHE A 367 -1.21 -12.63 -12.04
N THR A 368 -1.97 -11.60 -11.65
CA THR A 368 -3.36 -11.77 -11.28
C THR A 368 -4.19 -10.61 -11.82
FE1 SF4 B . -3.31 5.05 -4.10
FE2 SF4 B . -2.27 2.95 -2.69
FE3 SF4 B . -5.00 3.47 -2.75
FE4 SF4 B . -3.33 5.08 -1.40
S1 SF4 B . -3.75 2.86 -0.92
S2 SF4 B . -5.05 5.77 -2.77
S3 SF4 B . -1.46 5.10 -2.73
S4 SF4 B . -3.67 2.81 -4.50
C2 EEM C . -5.72 -3.29 -9.53
N3 EEM C . -4.74 -2.83 -8.68
C4 EEM C . -5.04 -1.90 -7.74
C1' EEM C . -2.84 -1.60 -6.64
C2' EEM C . -1.99 -0.40 -6.25
C3' EEM C . -0.87 -1.09 -5.51
C4' EEM C . -1.49 -2.32 -4.89
C5' EEM C . -1.82 -2.22 -3.39
O EEM C . -0.39 2.06 -3.74
C EEM C . 0.36 1.43 -2.99
OXT EEM C . 1.32 0.84 -3.47
CA EEM C . 0.09 1.39 -1.49
N EEM C . -0.91 2.45 -1.12
CB EEM C . -0.34 0.00 -1.04
CG EEM C . -1.84 -0.30 -1.04
SE EEM C . -2.57 -0.51 -2.84
CE EEM C . -4.46 -0.82 -2.47
O4' EEM C . -2.68 -2.56 -5.61
O3' EEM C . 0.14 -1.46 -6.43
O2' EEM C . -1.56 0.32 -7.39
N9 EEM C . -4.26 -1.29 -6.80
C8 EEM C . -5.05 -0.43 -6.09
N7 EEM C . -6.30 -0.50 -6.59
C5 EEM C . -6.32 -1.39 -7.61
N1 EEM C . -7.01 -2.79 -9.41
C6 EEM C . -7.31 -1.84 -8.46
N6 EEM C . -8.55 -1.36 -8.36
S SO4 D . 10.03 -11.77 -1.03
O1 SO4 D . 10.11 -13.16 -1.45
O2 SO4 D . 9.35 -10.99 -2.05
O3 SO4 D . 9.29 -11.69 0.23
O4 SO4 D . 11.38 -11.24 -0.83
S SO4 E . -12.32 -14.41 -2.10
O1 SO4 E . -12.31 -15.45 -1.08
O2 SO4 E . -13.67 -14.21 -2.60
O3 SO4 E . -11.84 -13.16 -1.51
O4 SO4 E . -11.46 -14.80 -3.21
S SO4 F . -14.00 20.54 18.26
O1 SO4 F . -13.96 21.60 17.25
O2 SO4 F . -15.16 19.68 18.02
O3 SO4 F . -14.09 21.14 19.58
O4 SO4 F . -12.78 19.73 18.17
S SO4 G . -8.14 -3.76 8.46
O1 SO4 G . -7.88 -5.20 8.57
O2 SO4 G . -9.12 -3.52 7.42
O3 SO4 G . -8.63 -3.24 9.73
O4 SO4 G . -6.89 -3.08 8.12
S SO4 H . -9.72 -3.53 15.31
O1 SO4 H . -10.16 -2.62 14.26
O2 SO4 H . -10.88 -4.22 15.87
O3 SO4 H . -9.05 -2.77 16.36
O4 SO4 H . -8.81 -4.51 14.75
P1 POP I . -8.19 -12.65 -6.71
O1 POP I . -8.81 -13.25 -7.95
O2 POP I . -8.80 -13.28 -5.48
O3 POP I . -6.70 -12.89 -6.71
O POP I . -8.49 -11.06 -6.71
P2 POP I . -9.33 -10.37 -5.51
O4 POP I . -10.65 -11.07 -5.31
O5 POP I . -8.52 -10.47 -4.24
O6 POP I . -9.57 -8.92 -5.85
O8 0TT J . -4.24 -10.52 -5.88
C6 0TT J . -5.56 -10.28 -5.42
C5 0TT J . -5.68 -9.01 -4.60
O7 0TT J . -4.45 -8.79 -3.95
C4 0TT J . -5.97 -7.73 -5.38
O9 0TT J . -7.41 -7.57 -5.42
C3 0TT J . -5.30 -6.63 -4.60
C2 0TT J . -4.21 -7.36 -3.79
N3 0TT J . -2.81 -6.98 -4.03
CJ 0TT J . -2.24 -5.86 -3.25
CK 0TT J . -1.97 -7.92 -4.59
O5 0TT J . -2.28 -8.68 -5.51
N4 0TT J . -0.62 -7.78 -4.28
CL 0TT J . -0.12 -7.22 -3.12
O6 0TT J . 1.06 -7.35 -2.84
CI 0TT J . -1.05 -6.28 -2.36
C1 0TT J . -0.25 -5.00 -2.04
CH 0TT J . -1.48 -6.89 -0.98
CF 0TT J . -2.71 -7.76 -0.89
CE 0TT J . -3.88 -7.28 -0.43
CG 0TT J . -2.65 -9.16 -1.30
O4 0TT J . -1.66 -9.72 -1.73
N2 0TT J . -3.83 -9.88 -1.18
CB 0TT J . -5.03 -9.39 -0.72
O3 0TT J . -6.02 -10.13 -0.67
N1 0TT J . -5.05 -8.05 -0.34
CD 0TT J . -6.35 -7.51 0.16
OB 0TT J . -7.30 -7.66 -0.92
CM 0TT J . -6.39 -6.05 0.48
CA 0TT J . -7.91 -5.83 0.44
O1 0TT J . -8.51 -6.20 1.67
C9 0TT J . -8.33 -6.64 -0.79
C8 0TT J . -8.47 -5.91 -2.09
OA 0TT J . -9.21 -6.75 -3.01
#